data_4UG2
#
_entry.id   4UG2
#
_cell.length_a   57.253
_cell.length_b   105.944
_cell.length_c   125.861
_cell.angle_alpha   90.00
_cell.angle_beta   90.00
_cell.angle_gamma   90.00
#
_symmetry.space_group_name_H-M   'P 21 21 21'
#
loop_
_entity.id
_entity.type
_entity.pdbx_description
1 polymer 'THERMOSTABILISED HUMAN A2A RECEPTOR'
2 non-polymer '(2S)-2,3-dihydroxypropyl (9Z)-octadec-9-enoate'
3 non-polymer "2-[P-(2-CARBOXYETHYL)PHENYLETHYL-AMINO]-5'-N-ETHYLCARBOXAMIDO ADENOSINE"
4 water water
#
_entity_poly.entity_id   1
_entity_poly.type   'polypeptide(L)'
_entity_poly.pdbx_seq_one_letter_code
;MPIMGSSVYITVELAIAVLAILGNVLVCWAVWLNSNLQNVTNYFVVSAAAADILVGVLAIPFAIAISTGFCAACHGCLFI
ACFVLVLTASSIFSLLAIAIDRYIAIRIPLRYNGLVTGTRAKGIIAICWVLSFAIGLTPMLGWNNCGQPKEGKAHSQGCG
EGQVACLFEDVVPMNYMVYFNFFACVLVPLLLMLGVYLRIFLAARRQLKQMESQPLPGERARSTLQKEVHAAKSLAIIVG
LFALCWLPLHIINCFTFFCPDCSHAPLWLMYLAIVLSHTNSVVNPFIYAYRIREFRQTFRKIIRSHVLRQQEPFKAAAAE
NLYFQ
;
_entity_poly.pdbx_strand_id   A,B
#
loop_
_chem_comp.id
_chem_comp.type
_chem_comp.name
_chem_comp.formula
NGI non-polymer '2-[P-(2-CARBOXYETHYL)PHENYLETHYL-AMINO]-5'-N-ETHYLCARBOXAMIDO ADENOSINE' 'C23 H29 N7 O6'
OLB non-polymer '(2S)-2,3-dihydroxypropyl (9Z)-octadec-9-enoate' 'C21 H40 O4'
#
# COMPACT_ATOMS: atom_id res chain seq x y z
N SER A 6 26.31 18.94 -5.68
CA SER A 6 27.62 19.36 -5.12
C SER A 6 28.58 18.17 -5.00
N SER A 7 29.86 18.46 -4.78
CA SER A 7 30.91 17.44 -4.78
C SER A 7 30.97 16.58 -3.51
N VAL A 8 30.44 17.11 -2.41
CA VAL A 8 30.33 16.33 -1.17
C VAL A 8 29.28 15.23 -1.36
N TYR A 9 28.13 15.58 -1.92
CA TYR A 9 27.08 14.59 -2.21
C TYR A 9 27.60 13.45 -3.10
N ILE A 10 28.28 13.79 -4.20
CA ILE A 10 28.86 12.81 -5.14
C ILE A 10 29.76 11.79 -4.42
N THR A 11 30.73 12.30 -3.67
CA THR A 11 31.75 11.49 -3.00
C THR A 11 31.15 10.54 -1.98
N VAL A 12 30.27 11.08 -1.12
CA VAL A 12 29.56 10.30 -0.10
C VAL A 12 28.71 9.20 -0.76
N GLU A 13 28.00 9.58 -1.82
CA GLU A 13 27.20 8.66 -2.61
C GLU A 13 28.06 7.54 -3.23
N LEU A 14 29.26 7.90 -3.71
CA LEU A 14 30.20 6.91 -4.24
C LEU A 14 30.80 6.00 -3.15
N ALA A 15 31.03 6.56 -1.97
CA ALA A 15 31.51 5.80 -0.82
C ALA A 15 30.47 4.78 -0.36
N ILE A 16 29.19 5.19 -0.35
CA ILE A 16 28.07 4.29 -0.04
C ILE A 16 28.00 3.13 -1.04
N ALA A 17 28.15 3.45 -2.33
CA ALA A 17 28.20 2.43 -3.39
C ALA A 17 29.33 1.42 -3.13
N VAL A 18 30.47 1.90 -2.66
CA VAL A 18 31.61 1.03 -2.36
C VAL A 18 31.34 0.10 -1.17
N LEU A 19 30.75 0.65 -0.11
CA LEU A 19 30.39 -0.12 1.08
C LEU A 19 29.29 -1.15 0.80
N ALA A 20 28.33 -0.79 -0.04
CA ALA A 20 27.22 -1.68 -0.39
C ALA A 20 27.68 -2.89 -1.22
N ILE A 21 28.63 -2.70 -2.13
CA ILE A 21 29.15 -3.82 -2.91
C ILE A 21 29.94 -4.77 -2.01
N LEU A 22 30.92 -4.22 -1.28
CA LEU A 22 31.83 -5.03 -0.45
C LEU A 22 31.10 -5.90 0.57
N GLY A 23 30.27 -5.28 1.41
CA GLY A 23 29.50 -5.98 2.43
C GLY A 23 28.55 -7.04 1.87
N ASN A 24 27.89 -6.72 0.75
CA ASN A 24 26.92 -7.64 0.18
C ASN A 24 27.52 -8.77 -0.66
N VAL A 25 28.71 -8.54 -1.20
CA VAL A 25 29.48 -9.61 -1.83
C VAL A 25 29.92 -10.56 -0.73
N LEU A 26 30.35 -9.99 0.40
CA LEU A 26 30.76 -10.74 1.57
C LEU A 26 29.65 -11.66 2.09
N VAL A 27 28.42 -11.16 2.10
CA VAL A 27 27.23 -11.95 2.47
C VAL A 27 27.01 -13.11 1.50
N CYS A 28 27.05 -12.81 0.19
CA CYS A 28 26.84 -13.82 -0.86
C CYS A 28 27.92 -14.89 -0.87
N TRP A 29 29.16 -14.44 -0.75
CA TRP A 29 30.34 -15.29 -0.71
C TRP A 29 30.22 -16.32 0.38
N ALA A 30 29.78 -15.88 1.56
CA ALA A 30 29.64 -16.72 2.74
C ALA A 30 28.68 -17.89 2.55
N VAL A 31 27.54 -17.62 1.93
CA VAL A 31 26.50 -18.62 1.69
C VAL A 31 26.99 -19.63 0.65
N TRP A 32 27.75 -19.14 -0.32
CA TRP A 32 28.31 -19.99 -1.37
C TRP A 32 29.30 -20.99 -0.82
N LEU A 33 30.16 -20.53 0.09
CA LEU A 33 31.21 -21.38 0.66
C LEU A 33 30.70 -22.29 1.78
N ASN A 34 29.97 -21.71 2.72
CA ASN A 34 29.48 -22.42 3.88
C ASN A 34 28.22 -23.24 3.58
N SER A 35 28.34 -24.55 3.75
CA SER A 35 27.26 -25.48 3.45
C SER A 35 26.11 -25.35 4.46
N ASN A 36 26.46 -25.03 5.71
CA ASN A 36 25.49 -24.87 6.79
C ASN A 36 24.58 -23.65 6.66
N LEU A 37 24.92 -22.77 5.72
CA LEU A 37 24.15 -21.56 5.47
C LEU A 37 23.20 -21.70 4.27
N GLN A 38 23.24 -22.84 3.59
CA GLN A 38 22.48 -23.00 2.35
C GLN A 38 21.03 -23.46 2.54
N ASN A 39 20.31 -22.76 3.42
CA ASN A 39 18.89 -23.02 3.65
C ASN A 39 18.00 -22.00 2.94
N VAL A 40 16.69 -22.23 3.01
CA VAL A 40 15.70 -21.38 2.34
C VAL A 40 15.74 -19.91 2.84
N THR A 41 15.92 -19.74 4.14
CA THR A 41 16.01 -18.41 4.74
C THR A 41 17.10 -17.57 4.08
N ASN A 42 18.30 -18.13 3.98
CA ASN A 42 19.44 -17.42 3.44
C ASN A 42 19.39 -17.16 1.94
N TYR A 43 18.46 -17.81 1.25
CA TYR A 43 18.19 -17.51 -0.16
C TYR A 43 17.51 -16.15 -0.30
N PHE A 44 16.66 -15.81 0.67
CA PHE A 44 16.07 -14.47 0.73
C PHE A 44 17.14 -13.46 1.10
N VAL A 45 18.05 -13.85 1.99
CA VAL A 45 19.20 -13.01 2.36
C VAL A 45 20.09 -12.73 1.14
N VAL A 46 20.37 -13.79 0.37
CA VAL A 46 21.21 -13.72 -0.83
C VAL A 46 20.54 -12.87 -1.91
N SER A 47 19.25 -13.12 -2.18
CA SER A 47 18.50 -12.35 -3.16
C SER A 47 18.52 -10.86 -2.83
N ALA A 48 18.31 -10.53 -1.55
CA ALA A 48 18.34 -9.14 -1.07
C ALA A 48 19.75 -8.55 -1.17
N ALA A 49 20.76 -9.36 -0.87
CA ALA A 49 22.16 -8.95 -1.00
C ALA A 49 22.50 -8.65 -2.46
N ALA A 50 22.06 -9.53 -3.36
CA ALA A 50 22.22 -9.36 -4.81
C ALA A 50 21.59 -8.08 -5.31
N ALA A 51 20.35 -7.81 -4.87
CA ALA A 51 19.66 -6.56 -5.20
C ALA A 51 20.42 -5.33 -4.70
N ASP A 52 21.08 -5.48 -3.55
CA ASP A 52 21.93 -4.41 -2.99
C ASP A 52 23.17 -4.15 -3.80
N ILE A 53 23.79 -5.21 -4.32
CA ILE A 53 24.98 -5.08 -5.18
C ILE A 53 24.62 -4.29 -6.44
N LEU A 54 23.44 -4.56 -7.00
CA LEU A 54 22.97 -3.83 -8.18
C LEU A 54 22.64 -2.36 -7.89
N VAL A 55 22.23 -2.09 -6.65
CA VAL A 55 22.01 -0.71 -6.20
C VAL A 55 23.34 0.04 -6.20
N GLY A 56 24.39 -0.63 -5.71
CA GLY A 56 25.73 -0.05 -5.64
C GLY A 56 26.36 0.18 -7.01
N VAL A 57 26.29 -0.84 -7.87
CA VAL A 57 26.94 -0.80 -9.17
C VAL A 57 26.15 0.07 -10.17
N LEU A 58 24.83 -0.04 -10.16
CA LEU A 58 24.01 0.58 -11.20
C LEU A 58 23.12 1.74 -10.72
N ALA A 59 22.38 1.51 -9.64
CA ALA A 59 21.37 2.48 -9.18
C ALA A 59 21.98 3.80 -8.70
N ILE A 60 23.02 3.71 -7.89
CA ILE A 60 23.65 4.89 -7.29
C ILE A 60 24.32 5.82 -8.33
N PRO A 61 25.17 5.28 -9.24
CA PRO A 61 25.70 6.16 -10.30
C PRO A 61 24.61 6.83 -11.15
N PHE A 62 23.55 6.09 -11.48
CA PHE A 62 22.40 6.65 -12.20
C PHE A 62 21.66 7.69 -11.36
N ALA A 63 21.57 7.44 -10.05
CA ALA A 63 20.90 8.36 -9.13
C ALA A 63 21.64 9.70 -9.02
N ILE A 64 22.97 9.65 -8.98
CA ILE A 64 23.79 10.85 -8.94
C ILE A 64 23.48 11.74 -10.15
N ALA A 65 23.60 11.16 -11.34
CA ALA A 65 23.31 11.85 -12.60
C ALA A 65 21.92 12.50 -12.56
N ILE A 66 20.94 11.69 -12.16
CA ILE A 66 19.53 12.08 -12.00
C ILE A 66 19.34 13.24 -11.00
N SER A 67 20.21 13.31 -10.00
CA SER A 67 20.10 14.31 -8.94
C SER A 67 20.98 15.55 -9.16
N THR A 68 21.96 15.45 -10.06
CA THR A 68 22.85 16.58 -10.35
C THR A 68 22.60 17.22 -11.72
N GLY A 69 22.20 16.40 -12.69
CA GLY A 69 21.75 16.93 -13.96
C GLY A 69 22.72 16.74 -15.10
N PHE A 70 22.29 15.97 -16.09
CA PHE A 70 22.98 15.86 -17.35
C PHE A 70 21.94 16.05 -18.45
N CYS A 71 22.37 16.36 -19.66
CA CYS A 71 21.45 16.57 -20.77
C CYS A 71 21.08 15.24 -21.44
N ALA A 72 19.80 15.11 -21.80
CA ALA A 72 19.27 13.90 -22.40
C ALA A 72 17.86 14.13 -22.92
N ALA A 73 17.45 13.29 -23.86
CA ALA A 73 16.05 13.22 -24.29
C ALA A 73 15.18 12.84 -23.09
N CYS A 74 13.98 13.42 -23.04
CA CYS A 74 13.09 13.30 -21.89
C CYS A 74 12.81 11.86 -21.47
N HIS A 75 12.55 11.00 -22.46
CA HIS A 75 12.23 9.59 -22.21
C HIS A 75 13.45 8.77 -21.87
N GLY A 76 14.62 9.23 -22.30
CA GLY A 76 15.88 8.61 -21.89
C GLY A 76 16.18 9.00 -20.44
N CYS A 77 15.87 10.24 -20.12
CA CYS A 77 16.01 10.75 -18.77
C CYS A 77 15.01 10.08 -17.83
N LEU A 78 13.78 9.91 -18.32
CA LEU A 78 12.73 9.20 -17.60
C LEU A 78 13.08 7.72 -17.37
N PHE A 79 13.69 7.10 -18.38
CA PHE A 79 14.08 5.68 -18.29
C PHE A 79 15.11 5.41 -17.18
N ILE A 80 16.06 6.33 -17.03
CA ILE A 80 17.11 6.20 -16.03
C ILE A 80 16.53 6.34 -14.62
N ALA A 81 15.64 7.32 -14.44
CA ALA A 81 14.92 7.49 -13.17
C ALA A 81 14.13 6.22 -12.81
N CYS A 82 13.40 5.67 -13.78
CA CYS A 82 12.63 4.45 -13.58
C CYS A 82 13.53 3.27 -13.20
N PHE A 83 14.72 3.25 -13.77
CA PHE A 83 15.69 2.20 -13.48
C PHE A 83 16.18 2.23 -12.03
N VAL A 84 16.42 3.45 -11.51
CA VAL A 84 16.72 3.65 -10.09
C VAL A 84 15.58 3.11 -9.21
N LEU A 85 14.34 3.40 -9.62
CA LEU A 85 13.16 2.94 -8.88
C LEU A 85 13.03 1.42 -8.85
N VAL A 86 13.23 0.76 -9.99
CA VAL A 86 13.17 -0.70 -10.07
C VAL A 86 14.17 -1.37 -9.13
N LEU A 87 15.44 -0.96 -9.21
CA LEU A 87 16.51 -1.60 -8.46
C LEU A 87 16.42 -1.38 -6.95
N THR A 88 16.06 -0.16 -6.55
CA THR A 88 15.88 0.14 -5.12
C THR A 88 14.65 -0.57 -4.56
N ALA A 89 13.61 -0.70 -5.37
CA ALA A 89 12.41 -1.43 -4.96
C ALA A 89 12.65 -2.93 -4.76
N SER A 90 13.40 -3.57 -5.67
CA SER A 90 13.72 -5.00 -5.53
C SER A 90 14.52 -5.23 -4.26
N SER A 91 15.39 -4.27 -3.95
CA SER A 91 16.10 -4.19 -2.69
C SER A 91 15.15 -4.19 -1.48
N ILE A 92 14.05 -3.45 -1.58
CA ILE A 92 13.03 -3.40 -0.52
C ILE A 92 12.21 -4.70 -0.43
N PHE A 93 11.67 -5.18 -1.55
CA PHE A 93 10.79 -6.34 -1.55
C PHE A 93 11.47 -7.65 -1.10
N SER A 94 12.71 -7.86 -1.50
CA SER A 94 13.43 -9.07 -1.10
C SER A 94 13.85 -9.05 0.37
N LEU A 95 14.04 -7.84 0.91
CA LEU A 95 14.21 -7.66 2.35
C LEU A 95 12.91 -7.96 3.12
N LEU A 96 11.77 -7.57 2.54
CA LEU A 96 10.47 -7.92 3.10
C LEU A 96 10.24 -9.44 3.08
N ALA A 97 10.75 -10.10 2.04
CA ALA A 97 10.70 -11.56 1.94
C ALA A 97 11.42 -12.24 3.11
N ILE A 98 12.50 -11.62 3.61
CA ILE A 98 13.20 -12.12 4.80
C ILE A 98 12.30 -12.06 6.03
N ALA A 99 11.64 -10.92 6.22
CA ALA A 99 10.72 -10.69 7.34
C ALA A 99 9.56 -11.69 7.35
N ILE A 100 8.95 -11.90 6.18
CA ILE A 100 7.83 -12.85 6.05
C ILE A 100 8.29 -14.28 6.33
N ASP A 101 9.49 -14.64 5.83
CA ASP A 101 10.11 -15.93 6.11
C ASP A 101 10.25 -16.15 7.61
N ARG A 102 10.76 -15.13 8.30
CA ARG A 102 10.93 -15.15 9.75
C ARG A 102 9.59 -15.30 10.50
N TYR A 103 8.53 -14.70 9.96
CA TYR A 103 7.21 -14.84 10.57
C TYR A 103 6.74 -16.28 10.51
N ILE A 104 6.80 -16.88 9.32
CA ILE A 104 6.34 -18.26 9.11
C ILE A 104 7.20 -19.28 9.87
N ALA A 105 8.48 -18.96 10.05
CA ALA A 105 9.40 -19.85 10.76
C ALA A 105 9.09 -19.94 12.25
N ILE A 106 8.94 -18.80 12.91
CA ILE A 106 8.71 -18.74 14.36
C ILE A 106 7.27 -19.08 14.75
N ARG A 107 6.29 -18.52 14.03
CA ARG A 107 4.88 -18.59 14.45
C ARG A 107 4.13 -19.82 13.90
N ILE A 108 4.57 -20.33 12.76
CA ILE A 108 3.95 -21.51 12.16
C ILE A 108 5.04 -22.52 11.76
N PRO A 109 5.77 -23.09 12.75
CA PRO A 109 6.86 -24.02 12.42
C PRO A 109 6.37 -25.32 11.80
N LEU A 110 5.18 -25.78 12.20
CA LEU A 110 4.62 -27.03 11.69
C LEU A 110 4.24 -26.96 10.21
N ARG A 111 4.18 -25.74 9.66
CA ARG A 111 3.89 -25.57 8.24
C ARG A 111 5.03 -24.90 7.45
N TYR A 112 6.12 -24.57 8.13
CA TYR A 112 7.23 -23.83 7.51
C TYR A 112 7.91 -24.56 6.35
N ASN A 113 8.40 -25.77 6.60
CA ASN A 113 9.09 -26.57 5.58
C ASN A 113 8.19 -26.95 4.42
N GLY A 114 6.90 -27.17 4.72
CA GLY A 114 5.93 -27.53 3.71
C GLY A 114 5.48 -26.36 2.86
N LEU A 115 5.41 -25.17 3.47
CA LEU A 115 4.91 -23.97 2.80
C LEU A 115 6.01 -23.16 2.11
N VAL A 116 7.15 -22.99 2.78
CA VAL A 116 8.27 -22.24 2.22
C VAL A 116 9.32 -23.18 1.65
N THR A 117 8.94 -23.87 0.58
CA THR A 117 9.83 -24.79 -0.12
C THR A 117 10.80 -24.03 -1.02
N GLY A 118 11.82 -24.73 -1.52
CA GLY A 118 12.82 -24.15 -2.40
C GLY A 118 12.23 -23.60 -3.69
N THR A 119 11.25 -24.30 -4.25
CA THR A 119 10.55 -23.87 -5.46
C THR A 119 9.79 -22.57 -5.22
N ARG A 120 8.99 -22.54 -4.17
CA ARG A 120 8.18 -21.36 -3.85
C ARG A 120 9.00 -20.16 -3.37
N ALA A 121 10.16 -20.42 -2.77
CA ALA A 121 11.09 -19.35 -2.41
C ALA A 121 11.61 -18.62 -3.66
N LYS A 122 11.97 -19.39 -4.68
CA LYS A 122 12.37 -18.84 -5.97
C LYS A 122 11.22 -18.11 -6.66
N GLY A 123 10.00 -18.63 -6.47
CA GLY A 123 8.79 -17.99 -6.96
C GLY A 123 8.53 -16.65 -6.30
N ILE A 124 8.75 -16.59 -4.98
CA ILE A 124 8.56 -15.37 -4.20
C ILE A 124 9.49 -14.24 -4.68
N ILE A 125 10.75 -14.59 -4.92
CA ILE A 125 11.76 -13.66 -5.40
C ILE A 125 11.46 -13.18 -6.82
N ALA A 126 10.93 -14.07 -7.65
CA ALA A 126 10.47 -13.73 -8.99
C ALA A 126 9.31 -12.71 -8.92
N ILE A 127 8.40 -12.92 -7.98
CA ILE A 127 7.30 -11.97 -7.74
C ILE A 127 7.82 -10.59 -7.30
N CYS A 128 8.88 -10.56 -6.48
CA CYS A 128 9.50 -9.32 -6.04
C CYS A 128 10.03 -8.49 -7.22
N TRP A 129 10.77 -9.16 -8.12
CA TRP A 129 11.33 -8.51 -9.29
C TRP A 129 10.27 -8.03 -10.25
N VAL A 130 9.21 -8.82 -10.42
CA VAL A 130 8.10 -8.47 -11.30
C VAL A 130 7.36 -7.24 -10.75
N LEU A 131 7.07 -7.25 -9.45
CA LEU A 131 6.50 -6.08 -8.77
C LEU A 131 7.39 -4.84 -8.92
N SER A 132 8.70 -5.04 -8.80
CA SER A 132 9.67 -3.96 -8.96
C SER A 132 9.64 -3.34 -10.35
N PHE A 133 9.60 -4.19 -11.38
CA PHE A 133 9.48 -3.72 -12.76
C PHE A 133 8.12 -3.07 -13.01
N ALA A 134 7.06 -3.71 -12.52
CA ALA A 134 5.70 -3.19 -12.68
C ALA A 134 5.55 -1.79 -12.08
N ILE A 135 5.99 -1.62 -10.82
CA ILE A 135 5.89 -0.33 -10.14
C ILE A 135 6.89 0.67 -10.70
N GLY A 136 8.13 0.23 -10.85
CA GLY A 136 9.23 1.09 -11.30
C GLY A 136 9.09 1.69 -12.69
N LEU A 137 8.55 0.91 -13.63
CA LEU A 137 8.45 1.37 -15.01
C LEU A 137 7.10 2.01 -15.35
N THR A 138 6.21 2.13 -14.37
CA THR A 138 4.89 2.72 -14.60
C THR A 138 4.94 4.09 -15.33
N PRO A 139 5.83 5.01 -14.90
CA PRO A 139 5.92 6.29 -15.62
C PRO A 139 6.18 6.20 -17.14
N MET A 140 6.87 5.15 -17.58
CA MET A 140 7.11 4.91 -19.02
C MET A 140 5.81 4.75 -19.82
N LEU A 141 4.72 4.44 -19.13
CA LEU A 141 3.43 4.20 -19.75
C LEU A 141 2.63 5.47 -20.03
N GLY A 142 3.14 6.61 -19.54
CA GLY A 142 2.47 7.89 -19.74
C GLY A 142 2.25 8.70 -18.48
N TRP A 143 2.45 8.09 -17.32
CA TRP A 143 2.35 8.80 -16.04
C TRP A 143 3.67 9.49 -15.78
N ASN A 144 3.96 10.53 -16.56
CA ASN A 144 5.21 11.27 -16.46
C ASN A 144 5.02 12.74 -16.86
N ASN A 145 6.09 13.53 -16.76
CA ASN A 145 6.03 14.96 -17.05
C ASN A 145 6.63 15.33 -18.40
N CYS A 146 6.86 14.32 -19.25
CA CYS A 146 7.57 14.56 -20.51
C CYS A 146 6.79 15.34 -21.57
N GLY A 147 5.48 15.44 -21.39
CA GLY A 147 4.62 16.21 -22.28
C GLY A 147 4.80 17.72 -22.14
N GLN A 148 5.37 18.15 -21.02
CA GLN A 148 5.66 19.57 -20.78
C GLN A 148 7.14 19.78 -20.40
N PRO A 149 8.06 19.70 -21.39
CA PRO A 149 9.49 19.86 -21.07
C PRO A 149 9.85 21.27 -20.61
N LYS A 150 10.73 21.38 -19.63
CA LYS A 150 11.16 22.68 -19.13
C LYS A 150 12.28 23.27 -20.01
N GLU A 151 11.88 23.93 -21.09
CA GLU A 151 12.80 24.41 -22.13
C GLU A 151 13.76 25.50 -21.68
N GLY A 152 13.31 26.32 -20.73
CA GLY A 152 14.13 27.37 -20.14
C GLY A 152 15.26 26.83 -19.28
N LYS A 153 14.96 25.78 -18.51
CA LYS A 153 15.98 25.10 -17.71
C LYS A 153 17.04 24.42 -18.57
N ALA A 154 16.59 23.80 -19.66
CA ALA A 154 17.48 23.12 -20.60
C ALA A 154 18.52 24.07 -21.17
N HIS A 155 18.08 25.28 -21.49
CA HIS A 155 18.96 26.33 -21.99
C HIS A 155 20.03 26.71 -21.00
N SER A 156 19.61 26.99 -19.77
CA SER A 156 20.52 27.35 -18.68
C SER A 156 21.57 26.29 -18.42
N GLN A 157 21.21 25.03 -18.70
CA GLN A 157 22.10 23.89 -18.51
C GLN A 157 22.94 23.59 -19.74
N GLY A 158 22.72 24.35 -20.81
CA GLY A 158 23.45 24.16 -22.07
C GLY A 158 23.04 22.92 -22.84
N CYS A 159 21.81 22.46 -22.65
CA CYS A 159 21.32 21.27 -23.33
C CYS A 159 20.89 21.60 -24.76
N GLY A 160 21.19 20.68 -25.68
CA GLY A 160 20.81 20.82 -27.07
C GLY A 160 19.31 20.73 -27.24
N GLU A 161 18.81 21.15 -28.39
CA GLU A 161 17.39 20.97 -28.70
C GLU A 161 17.10 19.49 -28.83
N GLY A 162 15.90 19.08 -28.43
CA GLY A 162 15.57 17.66 -28.34
C GLY A 162 16.09 17.04 -27.05
N GLN A 163 16.57 17.87 -26.14
CA GLN A 163 17.07 17.42 -24.84
C GLN A 163 16.52 18.27 -23.71
N VAL A 164 16.37 17.67 -22.53
CA VAL A 164 16.03 18.40 -21.32
C VAL A 164 17.11 18.20 -20.26
N ALA A 165 17.13 19.09 -19.27
CA ALA A 165 17.99 18.90 -18.09
C ALA A 165 17.43 17.74 -17.27
N CYS A 166 18.23 16.69 -17.14
CA CYS A 166 17.78 15.47 -16.49
C CYS A 166 17.79 15.57 -14.97
N LEU A 167 16.63 15.89 -14.40
CA LEU A 167 16.42 15.98 -12.95
C LEU A 167 15.18 15.16 -12.56
N PHE A 168 15.34 14.27 -11.59
CA PHE A 168 14.30 13.34 -11.15
C PHE A 168 12.88 13.94 -11.09
N GLU A 169 12.75 15.01 -10.30
CA GLU A 169 11.46 15.65 -10.04
C GLU A 169 10.89 16.37 -11.26
N ASP A 170 11.73 16.63 -12.25
CA ASP A 170 11.26 17.25 -13.50
C ASP A 170 10.54 16.27 -14.42
N VAL A 171 10.81 14.97 -14.28
CA VAL A 171 10.21 13.95 -15.15
C VAL A 171 9.26 12.97 -14.43
N VAL A 172 9.62 12.57 -13.21
CA VAL A 172 8.76 11.72 -12.38
C VAL A 172 7.76 12.62 -11.62
N PRO A 173 6.46 12.42 -11.84
CA PRO A 173 5.46 13.23 -11.12
C PRO A 173 5.44 12.89 -9.64
N MET A 174 5.15 13.89 -8.81
CA MET A 174 5.08 13.69 -7.36
C MET A 174 3.83 12.91 -6.93
N ASN A 175 2.73 13.05 -7.67
CA ASN A 175 1.55 12.25 -7.39
C ASN A 175 1.79 10.75 -7.56
N TYR A 176 2.63 10.39 -8.53
CA TYR A 176 3.08 9.00 -8.65
C TYR A 176 3.93 8.59 -7.45
N MET A 177 4.84 9.47 -7.04
CA MET A 177 5.79 9.17 -5.96
C MET A 177 5.09 9.03 -4.62
N VAL A 178 4.06 9.83 -4.40
CA VAL A 178 3.29 9.82 -3.14
C VAL A 178 2.18 8.76 -3.13
N TYR A 179 1.32 8.77 -4.15
CA TYR A 179 0.15 7.87 -4.16
C TYR A 179 0.47 6.42 -4.49
N PHE A 180 1.50 6.21 -5.32
CA PHE A 180 1.85 4.87 -5.77
C PHE A 180 3.15 4.38 -5.14
N ASN A 181 4.27 5.02 -5.49
CA ASN A 181 5.59 4.58 -5.01
C ASN A 181 5.79 4.55 -3.49
N PHE A 182 5.39 5.62 -2.80
CA PHE A 182 5.54 5.65 -1.34
C PHE A 182 4.71 4.56 -0.67
N PHE A 183 3.48 4.38 -1.14
CA PHE A 183 2.55 3.39 -0.58
C PHE A 183 3.03 1.96 -0.81
N ALA A 184 3.27 1.62 -2.07
CA ALA A 184 3.63 0.26 -2.46
C ALA A 184 5.04 -0.16 -2.00
N CYS A 185 5.97 0.78 -2.01
CA CYS A 185 7.38 0.43 -1.81
C CYS A 185 7.93 0.73 -0.42
N VAL A 186 7.40 1.75 0.24
CA VAL A 186 7.93 2.18 1.53
C VAL A 186 6.95 1.88 2.68
N LEU A 187 5.75 2.44 2.61
CA LEU A 187 4.83 2.42 3.74
C LEU A 187 4.29 1.03 4.04
N VAL A 188 3.82 0.34 3.01
CA VAL A 188 3.26 -1.01 3.16
C VAL A 188 4.32 -2.01 3.64
N PRO A 189 5.48 -2.10 2.95
CA PRO A 189 6.53 -2.97 3.49
C PRO A 189 6.94 -2.64 4.92
N LEU A 190 7.08 -1.35 5.24
CA LEU A 190 7.41 -0.92 6.61
C LEU A 190 6.39 -1.43 7.62
N LEU A 191 5.12 -1.15 7.38
CA LEU A 191 4.06 -1.54 8.29
C LEU A 191 3.91 -3.06 8.39
N LEU A 192 4.12 -3.76 7.27
CA LEU A 192 4.17 -5.22 7.30
C LEU A 192 5.32 -5.73 8.17
N MET A 193 6.51 -5.15 7.99
CA MET A 193 7.68 -5.56 8.77
C MET A 193 7.52 -5.23 10.24
N LEU A 194 6.86 -4.11 10.53
CA LEU A 194 6.52 -3.74 11.90
C LEU A 194 5.56 -4.75 12.54
N GLY A 195 4.55 -5.17 11.78
CA GLY A 195 3.54 -6.11 12.28
C GLY A 195 4.10 -7.50 12.52
N VAL A 196 5.08 -7.88 11.70
CA VAL A 196 5.77 -9.16 11.86
C VAL A 196 6.64 -9.12 13.11
N TYR A 197 7.33 -7.99 13.30
CA TYR A 197 8.16 -7.78 14.48
C TYR A 197 7.34 -7.80 15.79
N LEU A 198 6.28 -6.99 15.85
CA LEU A 198 5.39 -6.92 17.02
C LEU A 198 4.89 -8.29 17.49
N ARG A 199 4.42 -9.10 16.54
CA ARG A 199 3.86 -10.40 16.84
C ARG A 199 4.88 -11.35 17.47
N ILE A 200 6.08 -11.41 16.88
CA ILE A 200 7.18 -12.21 17.41
C ILE A 200 7.63 -11.68 18.75
N PHE A 201 7.78 -10.36 18.86
CA PHE A 201 8.19 -9.68 20.08
C PHE A 201 7.25 -9.97 21.26
N LEU A 202 5.97 -9.67 21.07
CA LEU A 202 4.98 -9.82 22.14
C LEU A 202 4.79 -11.28 22.56
N ALA A 203 4.76 -12.19 21.59
CA ALA A 203 4.64 -13.62 21.86
C ALA A 203 5.84 -14.15 22.65
N ALA A 204 7.03 -13.61 22.37
CA ALA A 204 8.25 -14.00 23.08
C ALA A 204 8.27 -13.48 24.51
N ARG A 205 7.76 -12.26 24.73
CA ARG A 205 7.66 -11.68 26.07
C ARG A 205 6.69 -12.43 26.98
N ARG A 206 5.60 -12.97 26.41
CA ARG A 206 4.57 -13.66 27.18
C ARG A 206 5.09 -14.94 27.83
N GLN A 207 5.84 -15.72 27.07
CA GLN A 207 6.43 -16.97 27.57
C GLN A 207 7.50 -16.72 28.63
N LEU A 208 8.16 -15.55 28.53
CA LEU A 208 9.10 -15.10 29.55
C LEU A 208 8.36 -14.72 30.83
N ALA A 221 12.87 -25.96 25.58
CA ALA A 221 11.89 -24.90 25.72
C ALA A 221 12.54 -23.52 25.76
N ARG A 222 13.61 -23.41 26.54
CA ARG A 222 14.36 -22.16 26.66
C ARG A 222 15.17 -21.84 25.40
N SER A 223 15.46 -22.87 24.61
CA SER A 223 16.18 -22.72 23.34
C SER A 223 15.31 -22.07 22.26
N THR A 224 14.07 -22.54 22.15
CA THR A 224 13.10 -21.99 21.21
C THR A 224 12.76 -20.54 21.58
N LEU A 225 12.62 -20.29 22.88
CA LEU A 225 12.35 -18.95 23.42
C LEU A 225 13.49 -17.99 23.16
N GLN A 226 14.73 -18.47 23.32
CA GLN A 226 15.92 -17.65 23.09
C GLN A 226 16.05 -17.27 21.61
N LYS A 227 15.73 -18.21 20.73
CA LYS A 227 15.66 -17.98 19.29
C LYS A 227 14.66 -16.86 18.97
N GLU A 228 13.49 -16.93 19.60
CA GLU A 228 12.41 -15.96 19.39
C GLU A 228 12.82 -14.53 19.78
N VAL A 229 13.57 -14.41 20.87
CA VAL A 229 14.10 -13.11 21.31
C VAL A 229 15.10 -12.58 20.30
N HIS A 230 15.99 -13.46 19.83
CA HIS A 230 17.00 -13.12 18.83
C HIS A 230 16.38 -12.63 17.54
N ALA A 231 15.31 -13.30 17.10
CA ALA A 231 14.59 -12.92 15.89
C ALA A 231 13.95 -11.53 16.04
N ALA A 232 13.34 -11.30 17.20
CA ALA A 232 12.73 -10.01 17.52
C ALA A 232 13.71 -8.85 17.39
N LYS A 233 14.89 -9.00 17.98
CA LYS A 233 15.88 -7.92 17.97
C LYS A 233 16.46 -7.69 16.57
N SER A 234 16.59 -8.77 15.80
CA SER A 234 17.05 -8.69 14.41
C SER A 234 16.01 -8.00 13.53
N LEU A 235 14.75 -8.30 13.75
CA LEU A 235 13.65 -7.64 13.04
C LEU A 235 13.47 -6.19 13.47
N ALA A 236 13.74 -5.89 14.74
CA ALA A 236 13.66 -4.51 15.25
C ALA A 236 14.71 -3.62 14.57
N ILE A 237 15.89 -4.19 14.29
CA ILE A 237 16.98 -3.45 13.67
C ILE A 237 16.70 -3.18 12.20
N ILE A 238 16.22 -4.20 11.49
CA ILE A 238 15.79 -4.05 10.10
C ILE A 238 14.73 -2.96 9.96
N VAL A 239 13.67 -3.04 10.76
CA VAL A 239 12.58 -2.06 10.72
C VAL A 239 13.08 -0.66 11.12
N GLY A 240 13.83 -0.58 12.21
CA GLY A 240 14.37 0.69 12.69
C GLY A 240 15.23 1.39 11.65
N LEU A 241 16.13 0.64 11.04
CA LEU A 241 17.01 1.20 10.01
C LEU A 241 16.28 1.50 8.70
N PHE A 242 15.38 0.61 8.28
CA PHE A 242 14.53 0.84 7.10
C PHE A 242 13.80 2.17 7.18
N ALA A 243 13.13 2.40 8.32
CA ALA A 243 12.42 3.65 8.57
C ALA A 243 13.35 4.86 8.57
N LEU A 244 14.49 4.74 9.24
CA LEU A 244 15.48 5.80 9.28
C LEU A 244 16.04 6.14 7.89
N CYS A 245 16.25 5.13 7.06
CA CYS A 245 16.82 5.32 5.72
C CYS A 245 15.80 5.82 4.69
N TRP A 246 14.57 5.30 4.74
CA TRP A 246 13.58 5.56 3.69
C TRP A 246 12.58 6.66 3.95
N LEU A 247 12.16 6.83 5.20
CA LEU A 247 11.11 7.80 5.54
C LEU A 247 11.46 9.27 5.25
N PRO A 248 12.69 9.72 5.61
CA PRO A 248 12.98 11.15 5.39
C PRO A 248 12.75 11.63 3.96
N LEU A 249 13.32 10.92 2.98
CA LEU A 249 13.13 11.26 1.56
C LEU A 249 11.66 11.25 1.13
N HIS A 250 10.93 10.20 1.52
CA HIS A 250 9.54 10.04 1.10
C HIS A 250 8.60 11.00 1.80
N ILE A 251 8.87 11.32 3.07
CA ILE A 251 8.15 12.36 3.80
C ILE A 251 8.36 13.71 3.11
N ILE A 252 9.61 14.02 2.77
CA ILE A 252 9.91 15.24 2.00
C ILE A 252 9.09 15.28 0.71
N ASN A 253 9.04 14.15 0.01
CA ASN A 253 8.23 14.02 -1.21
C ASN A 253 6.76 14.38 -1.00
N CYS A 254 6.21 13.99 0.15
CA CYS A 254 4.85 14.37 0.54
C CYS A 254 4.68 15.88 0.67
N PHE A 255 5.64 16.53 1.34
CA PHE A 255 5.62 17.98 1.50
C PHE A 255 5.66 18.74 0.17
N THR A 256 6.53 18.31 -0.73
CA THR A 256 6.62 18.89 -2.07
C THR A 256 5.28 18.76 -2.81
N PHE A 257 4.67 17.57 -2.71
CA PHE A 257 3.40 17.30 -3.36
C PHE A 257 2.23 18.06 -2.78
N PHE A 258 2.15 18.16 -1.45
CA PHE A 258 1.01 18.78 -0.78
C PHE A 258 1.04 20.31 -0.81
N CYS A 259 2.25 20.87 -0.91
CA CYS A 259 2.40 22.32 -1.16
C CYS A 259 3.44 22.57 -2.26
N PRO A 260 3.00 22.53 -3.54
CA PRO A 260 3.93 22.79 -4.64
C PRO A 260 4.20 24.28 -4.85
N ASP A 261 3.41 25.12 -4.19
CA ASP A 261 3.60 26.58 -4.21
C ASP A 261 4.64 27.04 -3.19
N CYS A 262 4.77 26.28 -2.10
CA CYS A 262 5.78 26.54 -1.07
C CYS A 262 7.19 26.45 -1.67
N SER A 263 8.17 27.07 -1.01
CA SER A 263 9.55 26.97 -1.45
C SER A 263 10.06 25.56 -1.20
N HIS A 264 10.71 24.99 -2.21
CA HIS A 264 11.19 23.62 -2.17
C HIS A 264 12.15 23.39 -1.05
N ALA A 265 12.07 22.20 -0.46
CA ALA A 265 13.08 21.74 0.50
C ALA A 265 14.46 21.94 -0.13
N PRO A 266 15.41 22.55 0.61
CA PRO A 266 16.71 22.91 0.05
C PRO A 266 17.50 21.72 -0.51
N LEU A 267 18.41 22.02 -1.43
CA LEU A 267 19.25 21.02 -2.09
C LEU A 267 20.03 20.12 -1.13
N TRP A 268 20.61 20.70 -0.06
CA TRP A 268 21.39 19.92 0.91
C TRP A 268 20.55 18.90 1.64
N LEU A 269 19.27 19.23 1.86
CA LEU A 269 18.34 18.31 2.52
C LEU A 269 17.91 17.20 1.56
N MET A 270 17.71 17.56 0.29
CA MET A 270 17.42 16.58 -0.76
C MET A 270 18.54 15.55 -0.85
N TYR A 271 19.77 16.03 -0.87
CA TYR A 271 20.96 15.18 -0.98
C TYR A 271 21.16 14.24 0.20
N LEU A 272 21.03 14.77 1.41
CA LEU A 272 21.14 13.95 2.61
C LEU A 272 20.09 12.84 2.64
N ALA A 273 18.86 13.19 2.26
CA ALA A 273 17.76 12.24 2.23
C ALA A 273 17.97 11.14 1.19
N ILE A 274 18.47 11.52 0.02
CA ILE A 274 18.83 10.55 -1.03
C ILE A 274 19.94 9.61 -0.52
N VAL A 275 20.98 10.21 0.06
CA VAL A 275 22.08 9.48 0.67
C VAL A 275 21.62 8.48 1.75
N LEU A 276 20.71 8.92 2.61
CA LEU A 276 20.15 8.04 3.65
C LEU A 276 19.44 6.83 3.05
N SER A 277 18.65 7.06 2.00
CA SER A 277 17.91 5.99 1.33
C SER A 277 18.84 4.92 0.72
N HIS A 278 19.98 5.35 0.21
CA HIS A 278 20.96 4.41 -0.34
C HIS A 278 21.75 3.66 0.71
N THR A 279 21.93 4.28 1.87
CA THR A 279 22.62 3.67 3.00
C THR A 279 21.90 2.41 3.47
N ASN A 280 20.59 2.34 3.22
CA ASN A 280 19.82 1.13 3.49
C ASN A 280 20.45 -0.11 2.85
N SER A 281 21.00 0.07 1.66
CA SER A 281 21.64 -1.02 0.93
C SER A 281 22.96 -1.51 1.52
N VAL A 282 23.59 -0.68 2.36
CA VAL A 282 24.77 -1.15 3.10
C VAL A 282 24.39 -1.88 4.41
N VAL A 283 23.28 -1.48 5.03
CA VAL A 283 22.92 -2.02 6.35
C VAL A 283 21.90 -3.16 6.30
N ASN A 284 21.03 -3.14 5.29
CA ASN A 284 20.02 -4.19 5.10
C ASN A 284 20.29 -4.99 3.83
N PRO A 285 20.52 -6.32 3.97
CA PRO A 285 20.40 -7.12 5.18
C PRO A 285 21.72 -7.45 5.88
N PHE A 286 22.74 -6.62 5.72
CA PHE A 286 24.07 -6.98 6.24
C PHE A 286 24.07 -7.25 7.75
N ILE A 287 23.52 -6.30 8.51
CA ILE A 287 23.48 -6.41 9.97
C ILE A 287 22.65 -7.62 10.43
N TYR A 288 21.57 -7.92 9.70
CA TYR A 288 20.80 -9.12 9.99
C TYR A 288 21.72 -10.35 9.98
N ALA A 289 22.45 -10.53 8.88
CA ALA A 289 23.37 -11.65 8.71
C ALA A 289 24.50 -11.61 9.73
N TYR A 290 25.09 -10.42 9.91
CA TYR A 290 26.17 -10.23 10.87
C TYR A 290 25.78 -10.65 12.29
N ARG A 291 24.48 -10.63 12.57
CA ARG A 291 23.98 -11.03 13.89
C ARG A 291 23.80 -12.54 14.05
N ILE A 292 23.83 -13.28 12.94
CA ILE A 292 23.90 -14.74 13.00
C ILE A 292 25.37 -15.15 13.17
N ARG A 293 25.68 -15.87 14.25
CA ARG A 293 27.05 -16.21 14.60
C ARG A 293 27.73 -17.07 13.53
N GLU A 294 26.93 -17.88 12.83
CA GLU A 294 27.41 -18.71 11.73
C GLU A 294 27.96 -17.85 10.59
N PHE A 295 27.24 -16.79 10.23
CA PHE A 295 27.71 -15.80 9.27
C PHE A 295 28.95 -15.08 9.77
N ARG A 296 28.88 -14.62 11.02
CA ARG A 296 29.93 -13.84 11.65
C ARG A 296 31.28 -14.55 11.63
N GLN A 297 31.27 -15.86 11.88
CA GLN A 297 32.49 -16.65 11.86
C GLN A 297 32.95 -16.99 10.43
N THR A 298 32.00 -17.17 9.52
CA THR A 298 32.31 -17.37 8.09
C THR A 298 32.96 -16.10 7.50
N PHE A 299 32.49 -14.93 7.91
CA PHE A 299 33.09 -13.67 7.47
C PHE A 299 34.55 -13.62 7.87
N ARG A 300 34.82 -13.87 9.16
CA ARG A 300 36.18 -13.91 9.70
C ARG A 300 37.06 -14.93 8.94
N LYS A 301 36.46 -16.07 8.60
CA LYS A 301 37.15 -17.12 7.86
C LYS A 301 37.57 -16.64 6.47
N ILE A 302 36.67 -15.90 5.81
CA ILE A 302 36.93 -15.35 4.47
C ILE A 302 38.08 -14.33 4.48
N ILE A 303 38.06 -13.42 5.46
CA ILE A 303 39.09 -12.38 5.56
C ILE A 303 40.42 -12.95 6.07
N ARG A 304 40.34 -13.75 7.13
CA ARG A 304 41.52 -14.28 7.82
C ARG A 304 42.24 -15.34 6.98
N SER A 305 41.48 -16.21 6.32
CA SER A 305 42.05 -17.39 5.65
C SER A 305 41.99 -17.34 4.12
N HIS A 306 40.83 -16.98 3.57
CA HIS A 306 40.62 -17.00 2.11
C HIS A 306 41.37 -15.93 1.35
N VAL A 307 41.26 -14.68 1.79
CA VAL A 307 41.93 -13.59 1.08
C VAL A 307 43.37 -13.37 1.55
N LEU A 308 43.61 -13.53 2.85
CA LEU A 308 44.93 -13.30 3.43
C LEU A 308 45.93 -14.43 3.17
N ARG A 309 45.44 -15.58 2.71
CA ARG A 309 46.29 -16.67 2.21
C ARG A 309 45.63 -17.35 1.00
N SER B 6 -27.67 -12.78 19.55
CA SER B 6 -28.52 -11.67 20.08
C SER B 6 -29.46 -11.17 19.00
N SER B 7 -30.74 -11.05 19.35
CA SER B 7 -31.76 -10.56 18.42
C SER B 7 -31.70 -9.04 18.21
N VAL B 8 -31.08 -8.33 19.15
CA VAL B 8 -30.86 -6.88 19.01
C VAL B 8 -29.88 -6.62 17.87
N TYR B 9 -28.76 -7.37 17.88
CA TYR B 9 -27.79 -7.33 16.80
C TYR B 9 -28.44 -7.62 15.45
N ILE B 10 -29.21 -8.72 15.36
CA ILE B 10 -29.91 -9.09 14.13
C ILE B 10 -30.81 -7.96 13.62
N THR B 11 -31.63 -7.40 14.51
CA THR B 11 -32.59 -6.35 14.16
C THR B 11 -31.91 -5.09 13.63
N VAL B 12 -30.85 -4.65 14.31
CA VAL B 12 -30.06 -3.50 13.86
C VAL B 12 -29.41 -3.82 12.51
N GLU B 13 -28.84 -5.02 12.41
CA GLU B 13 -28.23 -5.52 11.18
C GLU B 13 -29.20 -5.54 9.98
N LEU B 14 -30.45 -5.96 10.22
CA LEU B 14 -31.45 -6.02 9.15
C LEU B 14 -31.96 -4.64 8.73
N ALA B 15 -32.07 -3.74 9.71
CA ALA B 15 -32.46 -2.36 9.42
C ALA B 15 -31.39 -1.64 8.57
N ILE B 16 -30.13 -1.93 8.84
CA ILE B 16 -29.03 -1.43 8.02
C ILE B 16 -29.13 -1.96 6.59
N ALA B 17 -29.48 -3.25 6.45
CA ALA B 17 -29.71 -3.84 5.13
C ALA B 17 -30.81 -3.12 4.33
N VAL B 18 -31.89 -2.73 5.00
CA VAL B 18 -32.99 -2.03 4.34
C VAL B 18 -32.56 -0.63 3.91
N LEU B 19 -31.86 0.07 4.79
CA LEU B 19 -31.41 1.43 4.52
C LEU B 19 -30.34 1.48 3.43
N ALA B 20 -29.51 0.44 3.36
CA ALA B 20 -28.53 0.29 2.29
C ALA B 20 -29.19 0.01 0.93
N ILE B 21 -30.21 -0.84 0.91
CA ILE B 21 -30.93 -1.14 -0.33
C ILE B 21 -31.69 0.08 -0.83
N LEU B 22 -32.58 0.61 0.01
CA LEU B 22 -33.43 1.75 -0.36
C LEU B 22 -32.62 2.93 -0.91
N GLY B 23 -31.64 3.39 -0.12
CA GLY B 23 -30.84 4.55 -0.50
C GLY B 23 -30.04 4.36 -1.78
N ASN B 24 -29.52 3.15 -1.98
CA ASN B 24 -28.67 2.89 -3.14
C ASN B 24 -29.45 2.55 -4.40
N VAL B 25 -30.63 1.96 -4.23
CA VAL B 25 -31.59 1.81 -5.33
C VAL B 25 -32.01 3.22 -5.81
N LEU B 26 -32.19 4.13 -4.86
CA LEU B 26 -32.55 5.51 -5.18
C LEU B 26 -31.45 6.22 -6.00
N VAL B 27 -30.19 5.99 -5.62
CA VAL B 27 -29.03 6.53 -6.36
C VAL B 27 -28.97 5.99 -7.79
N CYS B 28 -29.12 4.67 -7.94
CA CYS B 28 -29.12 4.03 -9.27
C CYS B 28 -30.31 4.49 -10.11
N TRP B 29 -31.47 4.60 -9.46
CA TRP B 29 -32.69 5.07 -10.11
C TRP B 29 -32.51 6.46 -10.64
N ALA B 30 -31.91 7.34 -9.84
CA ALA B 30 -31.73 8.74 -10.19
C ALA B 30 -30.89 8.97 -11.43
N VAL B 31 -29.80 8.21 -11.56
CA VAL B 31 -28.87 8.34 -12.71
C VAL B 31 -29.51 7.84 -14.01
N TRP B 32 -30.27 6.76 -13.91
CA TRP B 32 -31.06 6.23 -15.03
C TRP B 32 -32.07 7.23 -15.53
N LEU B 33 -32.78 7.90 -14.61
CA LEU B 33 -33.84 8.85 -14.98
C LEU B 33 -33.32 10.19 -15.51
N ASN B 34 -32.29 10.73 -14.87
CA ASN B 34 -31.80 12.08 -15.16
C ASN B 34 -30.61 12.06 -16.11
N SER B 35 -30.80 12.71 -17.26
CA SER B 35 -29.79 12.79 -18.30
C SER B 35 -28.57 13.62 -17.88
N ASN B 36 -28.82 14.65 -17.08
CA ASN B 36 -27.76 15.52 -16.54
C ASN B 36 -26.83 14.83 -15.53
N LEU B 37 -27.22 13.63 -15.08
CA LEU B 37 -26.40 12.84 -14.17
C LEU B 37 -25.60 11.77 -14.91
N GLN B 38 -25.86 11.63 -16.21
CA GLN B 38 -25.23 10.58 -17.00
C GLN B 38 -23.85 10.98 -17.49
N ASN B 39 -22.88 10.92 -16.59
CA ASN B 39 -21.49 11.22 -16.88
C ASN B 39 -20.55 10.16 -16.29
N VAL B 40 -19.28 10.24 -16.64
CA VAL B 40 -18.27 9.28 -16.19
C VAL B 40 -18.14 9.18 -14.67
N THR B 41 -18.20 10.31 -13.97
CA THR B 41 -18.10 10.32 -12.50
C THR B 41 -19.19 9.44 -11.89
N ASN B 42 -20.43 9.67 -12.31
CA ASN B 42 -21.59 8.99 -11.75
C ASN B 42 -21.66 7.51 -12.11
N TYR B 43 -20.78 7.09 -13.02
CA TYR B 43 -20.62 5.67 -13.30
C TYR B 43 -19.87 5.01 -12.15
N PHE B 44 -18.97 5.75 -11.52
CA PHE B 44 -18.24 5.27 -10.34
C PHE B 44 -19.16 5.22 -9.12
N VAL B 45 -20.00 6.25 -8.98
CA VAL B 45 -21.01 6.33 -7.93
C VAL B 45 -22.00 5.17 -8.01
N VAL B 46 -22.51 4.90 -9.20
CA VAL B 46 -23.49 3.83 -9.43
C VAL B 46 -22.89 2.46 -9.13
N SER B 47 -21.67 2.22 -9.60
CA SER B 47 -20.97 0.97 -9.32
C SER B 47 -20.83 0.74 -7.81
N ALA B 48 -20.43 1.79 -7.09
CA ALA B 48 -20.30 1.73 -5.63
C ALA B 48 -21.67 1.53 -4.97
N ALA B 49 -22.71 2.15 -5.53
CA ALA B 49 -24.07 1.99 -5.03
C ALA B 49 -24.56 0.56 -5.25
N ALA B 50 -24.30 0.03 -6.45
CA ALA B 50 -24.68 -1.34 -6.80
C ALA B 50 -23.97 -2.33 -5.87
N ALA B 51 -22.71 -2.04 -5.55
CA ALA B 51 -21.95 -2.82 -4.58
C ALA B 51 -22.58 -2.81 -3.18
N ASP B 52 -23.11 -1.67 -2.76
CA ASP B 52 -23.80 -1.55 -1.47
C ASP B 52 -25.10 -2.37 -1.43
N ILE B 53 -25.81 -2.40 -2.56
CA ILE B 53 -27.03 -3.19 -2.71
C ILE B 53 -26.71 -4.67 -2.46
N LEU B 54 -25.58 -5.13 -3.01
CA LEU B 54 -25.14 -6.52 -2.81
C LEU B 54 -24.70 -6.79 -1.37
N VAL B 55 -24.23 -5.76 -0.68
CA VAL B 55 -23.89 -5.87 0.75
C VAL B 55 -25.17 -6.07 1.58
N GLY B 56 -26.17 -5.24 1.32
CA GLY B 56 -27.45 -5.31 2.03
C GLY B 56 -28.23 -6.58 1.77
N VAL B 57 -28.35 -6.96 0.50
CA VAL B 57 -29.13 -8.13 0.09
C VAL B 57 -28.47 -9.45 0.47
N LEU B 58 -27.14 -9.53 0.31
CA LEU B 58 -26.41 -10.79 0.49
C LEU B 58 -25.44 -10.81 1.66
N ALA B 59 -24.48 -9.88 1.67
CA ALA B 59 -23.36 -9.90 2.65
C ALA B 59 -23.79 -9.84 4.11
N ILE B 60 -24.76 -8.97 4.41
CA ILE B 60 -25.25 -8.78 5.77
C ILE B 60 -25.97 -10.03 6.33
N PRO B 61 -26.94 -10.59 5.57
CA PRO B 61 -27.50 -11.87 6.02
C PRO B 61 -26.47 -12.98 6.20
N PHE B 62 -25.46 -13.02 5.34
CA PHE B 62 -24.34 -13.95 5.50
C PHE B 62 -23.54 -13.66 6.76
N ALA B 63 -23.36 -12.37 7.05
CA ALA B 63 -22.61 -11.93 8.22
C ALA B 63 -23.31 -12.33 9.52
N ILE B 64 -24.64 -12.17 9.53
CA ILE B 64 -25.48 -12.61 10.65
C ILE B 64 -25.24 -14.09 10.94
N ALA B 65 -25.41 -14.94 9.93
CA ALA B 65 -25.16 -16.37 10.06
C ALA B 65 -23.73 -16.63 10.53
N ILE B 66 -22.78 -15.96 9.90
CA ILE B 66 -21.35 -16.03 10.23
C ILE B 66 -21.04 -15.64 11.70
N SER B 67 -21.89 -14.80 12.28
CA SER B 67 -21.64 -14.25 13.61
C SER B 67 -22.48 -14.89 14.71
N THR B 68 -23.49 -15.68 14.33
CA THR B 68 -24.39 -16.30 15.31
C THR B 68 -24.17 -17.79 15.50
N GLY B 69 -23.76 -18.47 14.42
CA GLY B 69 -23.37 -19.88 14.50
C GLY B 69 -24.41 -20.85 13.99
N PHE B 70 -24.01 -21.62 12.97
CA PHE B 70 -24.81 -22.73 12.48
C PHE B 70 -23.89 -23.88 12.07
N CYS B 71 -24.41 -25.10 12.06
CA CYS B 71 -23.61 -26.26 11.67
C CYS B 71 -23.49 -26.37 10.15
N ALA B 72 -22.26 -26.54 9.69
CA ALA B 72 -21.96 -26.75 8.27
C ALA B 72 -20.57 -27.36 8.11
N ALA B 73 -20.26 -27.80 6.90
CA ALA B 73 -18.89 -28.21 6.55
C ALA B 73 -17.99 -26.99 6.65
N CYS B 74 -16.73 -27.22 7.07
CA CYS B 74 -15.77 -26.14 7.30
C CYS B 74 -15.56 -25.22 6.09
N HIS B 75 -15.40 -25.83 4.91
CA HIS B 75 -15.18 -25.10 3.66
C HIS B 75 -16.42 -24.45 3.14
N GLY B 76 -17.57 -24.95 3.56
CA GLY B 76 -18.85 -24.33 3.25
C GLY B 76 -19.03 -23.09 4.12
N CYS B 77 -18.58 -23.19 5.36
CA CYS B 77 -18.62 -22.09 6.31
C CYS B 77 -17.64 -21.00 5.88
N LEU B 78 -16.45 -21.43 5.46
CA LEU B 78 -15.40 -20.53 5.02
C LEU B 78 -15.80 -19.78 3.75
N PHE B 79 -16.52 -20.46 2.86
CA PHE B 79 -16.97 -19.85 1.62
C PHE B 79 -17.92 -18.68 1.86
N ILE B 80 -18.78 -18.81 2.86
CA ILE B 80 -19.73 -17.76 3.22
C ILE B 80 -18.99 -16.55 3.79
N ALA B 81 -18.05 -16.83 4.71
CA ALA B 81 -17.15 -15.80 5.23
C ALA B 81 -16.43 -15.03 4.13
N CYS B 82 -15.89 -15.77 3.16
CA CYS B 82 -15.17 -15.18 2.04
C CYS B 82 -16.06 -14.30 1.15
N PHE B 83 -17.31 -14.73 0.99
CA PHE B 83 -18.27 -13.99 0.18
C PHE B 83 -18.60 -12.64 0.82
N VAL B 84 -18.67 -12.62 2.16
CA VAL B 84 -18.80 -11.38 2.93
C VAL B 84 -17.59 -10.48 2.66
N LEU B 85 -16.40 -11.07 2.68
CA LEU B 85 -15.16 -10.34 2.40
C LEU B 85 -15.12 -9.76 0.98
N VAL B 86 -15.51 -10.55 -0.01
CA VAL B 86 -15.55 -10.09 -1.41
C VAL B 86 -16.48 -8.89 -1.58
N LEU B 87 -17.71 -9.01 -1.09
CA LEU B 87 -18.74 -8.00 -1.33
C LEU B 87 -18.48 -6.70 -0.59
N THR B 88 -18.02 -6.78 0.65
CA THR B 88 -17.68 -5.58 1.41
C THR B 88 -16.46 -4.85 0.82
N ALA B 89 -15.51 -5.61 0.29
CA ALA B 89 -14.33 -5.03 -0.36
C ALA B 89 -14.67 -4.28 -1.64
N SER B 90 -15.51 -4.88 -2.49
CA SER B 90 -15.93 -4.24 -3.73
C SER B 90 -16.61 -2.91 -3.45
N SER B 91 -17.34 -2.86 -2.34
CA SER B 91 -17.96 -1.65 -1.83
C SER B 91 -16.91 -0.58 -1.50
N ILE B 92 -15.80 -1.00 -0.87
CA ILE B 92 -14.69 -0.13 -0.53
C ILE B 92 -13.90 0.37 -1.76
N PHE B 93 -13.52 -0.55 -2.64
CA PHE B 93 -12.68 -0.22 -3.80
C PHE B 93 -13.37 0.70 -4.81
N SER B 94 -14.65 0.46 -5.07
CA SER B 94 -15.39 1.35 -5.99
C SER B 94 -15.67 2.72 -5.39
N LEU B 95 -15.62 2.82 -4.07
CA LEU B 95 -15.68 4.10 -3.37
C LEU B 95 -14.37 4.86 -3.55
N LEU B 96 -13.26 4.12 -3.50
CA LEU B 96 -11.95 4.66 -3.82
C LEU B 96 -11.88 5.21 -5.25
N ALA B 97 -12.56 4.55 -6.18
CA ALA B 97 -12.61 4.97 -7.58
C ALA B 97 -13.21 6.37 -7.73
N ILE B 98 -14.20 6.66 -6.89
CA ILE B 98 -14.84 7.97 -6.84
C ILE B 98 -13.82 9.03 -6.40
N ALA B 99 -13.04 8.69 -5.39
CA ALA B 99 -12.00 9.59 -4.87
C ALA B 99 -10.94 9.88 -5.92
N ILE B 100 -10.51 8.83 -6.63
CA ILE B 100 -9.52 8.95 -7.69
C ILE B 100 -10.06 9.78 -8.86
N ASP B 101 -11.32 9.55 -9.23
CA ASP B 101 -11.99 10.34 -10.25
C ASP B 101 -11.95 11.84 -9.90
N ARG B 102 -12.30 12.16 -8.66
CA ARG B 102 -12.32 13.55 -8.19
C ARG B 102 -10.93 14.17 -8.16
N TYR B 103 -9.91 13.38 -7.86
CA TYR B 103 -8.55 13.89 -7.88
C TYR B 103 -8.16 14.39 -9.27
N ILE B 104 -8.44 13.58 -10.29
CA ILE B 104 -8.07 13.90 -11.67
C ILE B 104 -8.94 15.02 -12.23
N ALA B 105 -10.23 15.03 -11.87
CA ALA B 105 -11.13 16.09 -12.32
C ALA B 105 -10.74 17.45 -11.73
N ILE B 106 -10.43 17.47 -10.43
CA ILE B 106 -10.14 18.71 -9.74
C ILE B 106 -8.69 19.18 -9.91
N ARG B 107 -7.72 18.27 -9.81
CA ARG B 107 -6.31 18.66 -9.86
C ARG B 107 -5.66 18.58 -11.24
N ILE B 108 -6.17 17.71 -12.11
CA ILE B 108 -5.67 17.61 -13.49
C ILE B 108 -6.83 17.81 -14.47
N PRO B 109 -7.48 18.99 -14.43
CA PRO B 109 -8.75 19.20 -15.15
C PRO B 109 -8.60 19.11 -16.67
N LEU B 110 -7.43 19.52 -17.18
CA LEU B 110 -7.18 19.61 -18.62
C LEU B 110 -6.97 18.26 -19.29
N ARG B 111 -6.45 17.28 -18.54
CA ARG B 111 -6.26 15.94 -19.07
C ARG B 111 -7.33 14.94 -18.64
N TYR B 112 -8.26 15.39 -17.80
CA TYR B 112 -9.31 14.52 -17.24
C TYR B 112 -10.12 13.78 -18.31
N ASN B 113 -10.58 14.51 -19.32
CA ASN B 113 -11.41 13.91 -20.37
C ASN B 113 -10.69 12.94 -21.29
N GLY B 114 -9.42 13.22 -21.57
CA GLY B 114 -8.57 12.31 -22.31
C GLY B 114 -8.18 11.08 -21.52
N LEU B 115 -8.10 11.24 -20.21
CA LEU B 115 -7.57 10.20 -19.32
C LEU B 115 -8.65 9.29 -18.72
N VAL B 116 -9.75 9.89 -18.24
CA VAL B 116 -10.83 9.12 -17.64
C VAL B 116 -12.03 9.04 -18.58
N THR B 117 -11.89 8.21 -19.61
CA THR B 117 -12.96 7.99 -20.57
C THR B 117 -13.96 6.98 -20.00
N GLY B 118 -15.09 6.82 -20.69
CA GLY B 118 -16.09 5.81 -20.34
C GLY B 118 -15.52 4.40 -20.38
N THR B 119 -14.65 4.14 -21.36
CA THR B 119 -14.01 2.83 -21.54
C THR B 119 -13.11 2.49 -20.36
N ARG B 120 -12.21 3.42 -20.02
CA ARG B 120 -11.28 3.24 -18.91
C ARG B 120 -11.98 3.22 -17.55
N ALA B 121 -13.11 3.91 -17.46
CA ALA B 121 -13.98 3.86 -16.27
C ALA B 121 -14.48 2.45 -16.00
N LYS B 122 -14.90 1.74 -17.06
CA LYS B 122 -15.28 0.33 -16.97
C LYS B 122 -14.10 -0.55 -16.56
N GLY B 123 -12.91 -0.17 -17.00
CA GLY B 123 -11.69 -0.91 -16.69
C GLY B 123 -11.28 -0.82 -15.23
N ILE B 124 -11.37 0.38 -14.67
CA ILE B 124 -11.06 0.62 -13.26
C ILE B 124 -12.00 -0.16 -12.35
N ILE B 125 -13.30 -0.13 -12.67
CA ILE B 125 -14.32 -0.86 -11.91
C ILE B 125 -14.16 -2.38 -12.02
N ALA B 126 -13.71 -2.85 -13.17
CA ALA B 126 -13.38 -4.27 -13.35
C ALA B 126 -12.21 -4.67 -12.45
N ILE B 127 -11.22 -3.77 -12.34
CA ILE B 127 -10.07 -3.98 -11.45
C ILE B 127 -10.50 -4.04 -9.98
N CYS B 128 -11.47 -3.20 -9.60
CA CYS B 128 -12.05 -3.22 -8.25
C CYS B 128 -12.63 -4.58 -7.90
N TRP B 129 -13.38 -5.15 -8.84
CA TRP B 129 -14.01 -6.46 -8.65
C TRP B 129 -13.02 -7.59 -8.62
N VAL B 130 -12.01 -7.53 -9.48
CA VAL B 130 -10.98 -8.56 -9.55
C VAL B 130 -10.17 -8.61 -8.26
N LEU B 131 -9.77 -7.43 -7.77
CA LEU B 131 -9.09 -7.30 -6.47
C LEU B 131 -9.95 -7.89 -5.34
N SER B 132 -11.25 -7.59 -5.38
CA SER B 132 -12.19 -8.07 -4.36
C SER B 132 -12.28 -9.58 -4.30
N PHE B 133 -12.38 -10.22 -5.47
CA PHE B 133 -12.40 -11.68 -5.53
C PHE B 133 -11.06 -12.30 -5.11
N ALA B 134 -9.96 -11.76 -5.60
CA ALA B 134 -8.64 -12.31 -5.32
C ALA B 134 -8.29 -12.26 -3.83
N ILE B 135 -8.42 -11.06 -3.24
CA ILE B 135 -8.18 -10.86 -1.81
C ILE B 135 -9.23 -11.58 -0.97
N GLY B 136 -10.49 -11.43 -1.35
CA GLY B 136 -11.60 -12.05 -0.63
C GLY B 136 -11.60 -13.58 -0.58
N LEU B 137 -11.18 -14.20 -1.68
CA LEU B 137 -11.17 -15.66 -1.76
C LEU B 137 -9.80 -16.30 -1.46
N THR B 138 -8.81 -15.47 -1.09
CA THR B 138 -7.48 -15.98 -0.71
C THR B 138 -7.55 -17.13 0.31
N PRO B 139 -8.38 -16.99 1.38
CA PRO B 139 -8.50 -18.11 2.33
C PRO B 139 -8.93 -19.45 1.73
N MET B 140 -9.69 -19.43 0.63
CA MET B 140 -10.11 -20.67 -0.05
C MET B 140 -8.92 -21.46 -0.63
N LEU B 141 -7.80 -20.78 -0.83
CA LEU B 141 -6.61 -21.39 -1.42
C LEU B 141 -5.73 -22.12 -0.40
N GLY B 142 -6.11 -22.07 0.88
CA GLY B 142 -5.40 -22.79 1.92
C GLY B 142 -5.07 -21.97 3.16
N TRP B 143 -5.19 -20.65 3.04
CA TRP B 143 -4.95 -19.73 4.16
C TRP B 143 -6.16 -19.67 5.06
N ASN B 144 -6.42 -20.76 5.77
CA ASN B 144 -7.59 -20.85 6.63
C ASN B 144 -7.34 -21.72 7.85
N ASN B 145 -8.33 -21.79 8.74
CA ASN B 145 -8.23 -22.56 9.98
C ASN B 145 -8.91 -23.93 9.90
N CYS B 146 -9.31 -24.32 8.70
CA CYS B 146 -9.99 -25.60 8.49
C CYS B 146 -9.10 -26.82 8.73
N GLY B 147 -7.81 -26.69 8.42
CA GLY B 147 -6.85 -27.76 8.63
C GLY B 147 -6.54 -27.96 10.11
N ALA B 165 -19.47 -25.93 13.40
CA ALA B 165 -19.98 -24.69 14.00
C ALA B 165 -19.40 -23.47 13.29
N CYS B 166 -20.28 -22.72 12.63
CA CYS B 166 -19.85 -21.66 11.72
C CYS B 166 -19.72 -20.28 12.36
N LEU B 167 -18.50 -19.94 12.76
CA LEU B 167 -18.15 -18.62 13.26
C LEU B 167 -16.98 -18.05 12.44
N PHE B 168 -17.03 -16.75 12.16
CA PHE B 168 -16.03 -16.09 11.31
C PHE B 168 -14.59 -16.35 11.77
N GLU B 169 -14.31 -16.04 13.04
CA GLU B 169 -12.97 -16.15 13.60
C GLU B 169 -12.50 -17.60 13.75
N ASP B 170 -13.42 -18.55 13.68
CA ASP B 170 -13.09 -19.96 13.78
C ASP B 170 -12.50 -20.51 12.48
N VAL B 171 -12.87 -19.89 11.35
CA VAL B 171 -12.41 -20.36 10.04
C VAL B 171 -11.46 -19.37 9.34
N VAL B 172 -11.68 -18.07 9.56
CA VAL B 172 -10.79 -17.04 8.99
C VAL B 172 -9.67 -16.70 9.98
N PRO B 173 -8.41 -16.98 9.61
CA PRO B 173 -7.28 -16.70 10.49
C PRO B 173 -7.04 -15.21 10.64
N MET B 174 -6.55 -14.79 11.80
CA MET B 174 -6.35 -13.37 12.06
C MET B 174 -5.11 -12.80 11.36
N ASN B 175 -4.10 -13.64 11.12
CA ASN B 175 -2.93 -13.19 10.35
C ASN B 175 -3.30 -12.78 8.92
N TYR B 176 -4.30 -13.44 8.34
CA TYR B 176 -4.88 -12.98 7.09
C TYR B 176 -5.60 -11.65 7.30
N MET B 177 -6.40 -11.56 8.35
CA MET B 177 -7.25 -10.40 8.59
C MET B 177 -6.44 -9.14 8.86
N VAL B 178 -5.28 -9.31 9.48
CA VAL B 178 -4.46 -8.18 9.87
C VAL B 178 -3.44 -7.81 8.79
N TYR B 179 -2.63 -8.79 8.36
CA TYR B 179 -1.56 -8.55 7.38
C TYR B 179 -2.06 -8.31 5.96
N PHE B 180 -3.16 -8.95 5.58
CA PHE B 180 -3.64 -8.85 4.21
C PHE B 180 -4.91 -8.00 4.09
N ASN B 181 -6.00 -8.44 4.72
CA ASN B 181 -7.29 -7.76 4.59
C ASN B 181 -7.31 -6.32 5.11
N PHE B 182 -6.71 -6.09 6.28
CA PHE B 182 -6.64 -4.74 6.85
C PHE B 182 -5.82 -3.80 5.99
N PHE B 183 -4.62 -4.24 5.60
CA PHE B 183 -3.71 -3.45 4.78
C PHE B 183 -4.30 -3.14 3.40
N ALA B 184 -4.77 -4.18 2.72
CA ALA B 184 -5.25 -4.04 1.34
C ALA B 184 -6.61 -3.36 1.23
N CYS B 185 -7.52 -3.68 2.16
CA CYS B 185 -8.92 -3.25 2.03
C CYS B 185 -9.29 -2.02 2.84
N VAL B 186 -8.61 -1.79 3.96
CA VAL B 186 -8.97 -0.67 4.83
C VAL B 186 -7.90 0.43 4.86
N LEU B 187 -6.69 0.07 5.25
CA LEU B 187 -5.64 1.07 5.50
C LEU B 187 -5.17 1.82 4.25
N VAL B 188 -4.84 1.08 3.19
CA VAL B 188 -4.41 1.69 1.93
C VAL B 188 -5.53 2.56 1.31
N PRO B 189 -6.75 2.01 1.15
CA PRO B 189 -7.82 2.88 0.62
C PRO B 189 -8.08 4.14 1.47
N LEU B 190 -8.12 4.00 2.78
CA LEU B 190 -8.30 5.16 3.66
C LEU B 190 -7.22 6.23 3.43
N LEU B 191 -5.96 5.81 3.46
CA LEU B 191 -4.85 6.74 3.30
C LEU B 191 -4.82 7.39 1.92
N LEU B 192 -5.13 6.61 0.89
CA LEU B 192 -5.26 7.13 -0.47
C LEU B 192 -6.34 8.22 -0.54
N MET B 193 -7.49 7.94 0.06
CA MET B 193 -8.61 8.88 0.09
C MET B 193 -8.28 10.13 0.91
N LEU B 194 -7.59 9.92 2.02
CA LEU B 194 -7.09 11.02 2.84
C LEU B 194 -6.08 11.86 2.06
N GLY B 195 -5.17 11.20 1.35
CA GLY B 195 -4.20 11.87 0.51
C GLY B 195 -4.81 12.67 -0.63
N VAL B 196 -5.95 12.20 -1.13
CA VAL B 196 -6.70 12.89 -2.18
C VAL B 196 -7.38 14.12 -1.58
N TYR B 197 -8.10 13.91 -0.47
CA TYR B 197 -8.74 15.01 0.25
C TYR B 197 -7.75 16.11 0.65
N LEU B 198 -6.61 15.71 1.22
CA LEU B 198 -5.60 16.69 1.67
C LEU B 198 -5.09 17.59 0.56
N ARG B 199 -4.79 17.01 -0.60
CA ARG B 199 -4.30 17.78 -1.74
C ARG B 199 -5.33 18.81 -2.21
N ILE B 200 -6.58 18.41 -2.34
CA ILE B 200 -7.66 19.28 -2.81
C ILE B 200 -7.96 20.40 -1.80
N PHE B 201 -8.15 20.03 -0.54
CA PHE B 201 -8.38 20.98 0.53
C PHE B 201 -7.30 22.06 0.60
N LEU B 202 -6.04 21.63 0.66
CA LEU B 202 -4.90 22.54 0.75
C LEU B 202 -4.77 23.46 -0.47
N ALA B 203 -4.92 22.89 -1.67
CA ALA B 203 -4.86 23.68 -2.91
C ALA B 203 -6.00 24.69 -2.98
N ALA B 204 -7.18 24.31 -2.49
CA ALA B 204 -8.31 25.22 -2.42
C ALA B 204 -8.09 26.33 -1.40
N ARG B 205 -7.37 26.00 -0.32
CA ARG B 205 -7.12 26.95 0.77
C ARG B 205 -6.13 28.06 0.38
N ARG B 206 -5.11 27.72 -0.40
CA ARG B 206 -4.14 28.73 -0.85
C ARG B 206 -4.83 29.76 -1.73
N GLN B 207 -5.76 29.29 -2.56
CA GLN B 207 -6.52 30.14 -3.47
C GLN B 207 -7.49 31.10 -2.75
N LEU B 208 -8.01 30.65 -1.60
CA LEU B 208 -8.90 31.49 -0.78
C LEU B 208 -8.11 32.56 -0.03
N LYS B 209 -6.89 32.23 0.36
CA LYS B 209 -5.97 33.19 0.97
C LYS B 209 -5.57 34.27 -0.03
N GLN B 210 -5.29 33.89 -1.28
CA GLN B 210 -4.84 34.81 -2.32
C GLN B 210 -5.95 35.73 -2.86
N MET B 211 -6.85 36.15 -1.98
CA MET B 211 -7.99 37.00 -2.37
C MET B 211 -8.35 38.00 -1.27
N GLU B 219 -15.12 35.50 -13.07
CA GLU B 219 -16.38 34.75 -13.03
C GLU B 219 -16.13 33.25 -13.13
N ARG B 220 -15.47 32.82 -14.20
CA ARG B 220 -15.13 31.41 -14.43
C ARG B 220 -14.17 30.86 -13.36
N ALA B 221 -13.30 31.73 -12.86
CA ALA B 221 -12.38 31.38 -11.77
C ALA B 221 -13.13 31.08 -10.48
N ARG B 222 -14.23 31.78 -10.26
CA ARG B 222 -15.07 31.60 -9.08
C ARG B 222 -15.92 30.32 -9.14
N SER B 223 -16.27 29.89 -10.35
CA SER B 223 -16.99 28.63 -10.55
C SER B 223 -16.08 27.44 -10.25
N THR B 224 -14.81 27.55 -10.66
CA THR B 224 -13.82 26.51 -10.44
C THR B 224 -13.46 26.37 -8.96
N LEU B 225 -13.21 27.51 -8.29
CA LEU B 225 -12.89 27.53 -6.88
C LEU B 225 -14.02 26.95 -6.01
N GLN B 226 -15.26 27.18 -6.43
CA GLN B 226 -16.44 26.61 -5.79
C GLN B 226 -16.49 25.09 -5.91
N LYS B 227 -16.26 24.60 -7.12
CA LYS B 227 -16.16 23.16 -7.38
C LYS B 227 -15.10 22.52 -6.49
N GLU B 228 -13.98 23.20 -6.30
CA GLU B 228 -12.88 22.72 -5.49
C GLU B 228 -13.24 22.66 -3.99
N VAL B 229 -13.90 23.69 -3.49
CA VAL B 229 -14.36 23.71 -2.09
C VAL B 229 -15.41 22.62 -1.88
N HIS B 230 -16.32 22.49 -2.83
CA HIS B 230 -17.38 21.48 -2.78
C HIS B 230 -16.83 20.08 -2.77
N ALA B 231 -15.83 19.84 -3.62
CA ALA B 231 -15.14 18.55 -3.70
C ALA B 231 -14.43 18.23 -2.39
N ALA B 232 -13.68 19.18 -1.86
CA ALA B 232 -13.00 19.01 -0.58
C ALA B 232 -13.96 18.57 0.52
N LYS B 233 -15.12 19.22 0.59
CA LYS B 233 -16.10 18.91 1.63
C LYS B 233 -16.77 17.53 1.44
N SER B 234 -17.08 17.16 0.20
CA SER B 234 -17.61 15.83 -0.11
C SER B 234 -16.61 14.73 0.26
N LEU B 235 -15.32 15.02 0.10
CA LEU B 235 -14.27 14.05 0.36
C LEU B 235 -13.98 13.84 1.86
N ALA B 236 -14.00 14.94 2.62
CA ALA B 236 -13.89 14.89 4.08
C ALA B 236 -15.00 14.03 4.70
N ILE B 237 -16.19 14.09 4.12
CA ILE B 237 -17.32 13.29 4.59
C ILE B 237 -17.13 11.80 4.27
N ILE B 238 -16.66 11.49 3.07
CA ILE B 238 -16.33 10.10 2.72
C ILE B 238 -15.24 9.55 3.65
N VAL B 239 -14.13 10.28 3.77
CA VAL B 239 -12.98 9.86 4.58
C VAL B 239 -13.36 9.74 6.07
N GLY B 240 -14.01 10.77 6.61
CA GLY B 240 -14.48 10.77 7.99
C GLY B 240 -15.39 9.59 8.31
N LEU B 241 -16.38 9.38 7.45
CA LEU B 241 -17.33 8.28 7.64
C LEU B 241 -16.69 6.91 7.44
N PHE B 242 -15.81 6.80 6.44
CA PHE B 242 -15.09 5.57 6.18
C PHE B 242 -14.29 5.16 7.42
N ALA B 243 -13.53 6.11 7.97
CA ALA B 243 -12.75 5.89 9.18
C ALA B 243 -13.61 5.46 10.36
N LEU B 244 -14.74 6.16 10.53
CA LEU B 244 -15.66 5.87 11.62
C LEU B 244 -16.26 4.46 11.54
N CYS B 245 -16.64 4.05 10.33
CA CYS B 245 -17.30 2.76 10.13
C CYS B 245 -16.34 1.56 10.13
N TRP B 246 -15.16 1.72 9.53
CA TRP B 246 -14.28 0.58 9.29
C TRP B 246 -13.19 0.34 10.29
N LEU B 247 -12.71 1.40 10.94
CA LEU B 247 -11.56 1.28 11.84
C LEU B 247 -11.78 0.45 13.12
N PRO B 248 -12.93 0.66 13.83
CA PRO B 248 -13.14 -0.08 15.08
C PRO B 248 -12.97 -1.61 14.95
N LEU B 249 -13.70 -2.23 14.03
CA LEU B 249 -13.60 -3.67 13.79
C LEU B 249 -12.17 -4.13 13.48
N HIS B 250 -11.47 -3.41 12.61
CA HIS B 250 -10.12 -3.81 12.21
C HIS B 250 -9.08 -3.59 13.29
N ILE B 251 -9.21 -2.50 14.05
CA ILE B 251 -8.34 -2.25 15.20
C ILE B 251 -8.55 -3.35 16.25
N ILE B 252 -9.81 -3.71 16.50
CA ILE B 252 -10.11 -4.85 17.38
C ILE B 252 -9.44 -6.14 16.88
N ASN B 253 -9.56 -6.42 15.59
CA ASN B 253 -8.86 -7.56 14.97
C ASN B 253 -7.35 -7.53 15.20
N CYS B 254 -6.75 -6.34 15.15
CA CYS B 254 -5.34 -6.17 15.51
C CYS B 254 -5.06 -6.56 16.96
N PHE B 255 -5.96 -6.21 17.87
CA PHE B 255 -5.82 -6.58 19.28
C PHE B 255 -5.90 -8.08 19.51
N THR B 256 -6.91 -8.72 18.91
CA THR B 256 -7.05 -10.17 18.95
C THR B 256 -5.79 -10.89 18.44
N PHE B 257 -5.27 -10.40 17.32
CA PHE B 257 -4.07 -10.99 16.71
C PHE B 257 -2.78 -10.71 17.50
N PHE B 258 -2.59 -9.47 17.94
CA PHE B 258 -1.35 -9.10 18.62
C PHE B 258 -1.26 -9.59 20.07
N CYS B 259 -2.42 -9.88 20.69
CA CYS B 259 -2.46 -10.51 22.01
C CYS B 259 -3.45 -11.68 22.07
N PRO B 260 -2.97 -12.90 21.74
CA PRO B 260 -3.84 -14.09 21.82
C PRO B 260 -4.06 -14.57 23.26
N ASP B 261 -3.27 -14.05 24.20
CA ASP B 261 -3.39 -14.38 25.62
C ASP B 261 -4.41 -13.50 26.33
N CYS B 262 -4.59 -12.27 25.83
CA CYS B 262 -5.60 -11.36 26.36
C CYS B 262 -6.98 -11.96 26.21
N SER B 263 -7.91 -11.51 27.06
CA SER B 263 -9.30 -11.90 26.91
C SER B 263 -9.85 -11.21 25.67
N HIS B 264 -10.53 -11.97 24.83
CA HIS B 264 -11.15 -11.46 23.62
C HIS B 264 -12.11 -10.34 23.94
N ALA B 265 -12.15 -9.35 23.06
CA ALA B 265 -13.14 -8.28 23.13
C ALA B 265 -14.55 -8.88 23.27
N PRO B 266 -15.34 -8.38 24.24
CA PRO B 266 -16.68 -8.92 24.50
C PRO B 266 -17.58 -8.91 23.26
N LEU B 267 -18.51 -9.86 23.20
CA LEU B 267 -19.40 -10.04 22.06
C LEU B 267 -20.16 -8.78 21.65
N TRP B 268 -20.64 -8.02 22.63
CA TRP B 268 -21.40 -6.79 22.39
C TRP B 268 -20.55 -5.77 21.67
N LEU B 269 -19.24 -5.79 21.91
CA LEU B 269 -18.33 -4.89 21.21
C LEU B 269 -18.07 -5.35 19.77
N MET B 270 -17.97 -6.67 19.58
CA MET B 270 -17.85 -7.27 18.25
C MET B 270 -19.07 -6.93 17.39
N TYR B 271 -20.27 -7.18 17.92
CA TYR B 271 -21.52 -6.82 17.25
C TYR B 271 -21.61 -5.34 16.89
N LEU B 272 -21.20 -4.47 17.82
CA LEU B 272 -21.15 -3.04 17.56
C LEU B 272 -20.19 -2.70 16.41
N ALA B 273 -18.99 -3.28 16.45
CA ALA B 273 -17.98 -3.08 15.41
C ALA B 273 -18.45 -3.52 14.01
N ILE B 274 -19.13 -4.66 13.96
CA ILE B 274 -19.64 -5.21 12.72
C ILE B 274 -20.72 -4.31 12.14
N VAL B 275 -21.67 -3.93 13.00
CA VAL B 275 -22.78 -3.05 12.64
C VAL B 275 -22.27 -1.71 12.07
N LEU B 276 -21.25 -1.15 12.71
CA LEU B 276 -20.59 0.08 12.24
C LEU B 276 -20.03 -0.08 10.84
N SER B 277 -19.35 -1.19 10.56
CA SER B 277 -18.76 -1.42 9.26
C SER B 277 -19.80 -1.55 8.14
N HIS B 278 -20.94 -2.15 8.45
CA HIS B 278 -22.01 -2.32 7.47
C HIS B 278 -22.73 -1.04 7.19
N THR B 279 -22.67 -0.12 8.14
CA THR B 279 -23.29 1.20 8.04
C THR B 279 -22.67 2.03 6.92
N ASN B 280 -21.39 1.78 6.64
CA ASN B 280 -20.67 2.44 5.54
C ASN B 280 -21.46 2.36 4.24
N SER B 281 -22.10 1.22 4.01
CA SER B 281 -22.88 0.99 2.82
C SER B 281 -24.18 1.82 2.75
N VAL B 282 -24.63 2.34 3.89
CA VAL B 282 -25.79 3.24 3.84
C VAL B 282 -25.35 4.70 3.61
N VAL B 283 -24.15 5.06 4.05
CA VAL B 283 -23.70 6.45 3.95
C VAL B 283 -22.81 6.74 2.73
N ASN B 284 -22.02 5.74 2.33
CA ASN B 284 -21.12 5.86 1.19
C ASN B 284 -21.59 4.98 0.02
N PRO B 285 -21.87 5.59 -1.15
CA PRO B 285 -21.74 7.00 -1.51
C PRO B 285 -23.02 7.82 -1.45
N PHE B 286 -24.02 7.36 -0.68
CA PHE B 286 -25.30 8.06 -0.64
C PHE B 286 -25.16 9.56 -0.33
N ILE B 287 -24.41 9.88 0.73
CA ILE B 287 -24.25 11.28 1.15
C ILE B 287 -23.49 12.09 0.10
N TYR B 288 -22.48 11.48 -0.51
CA TYR B 288 -21.78 12.12 -1.62
C TYR B 288 -22.77 12.58 -2.70
N ALA B 289 -23.61 11.65 -3.18
CA ALA B 289 -24.62 11.94 -4.19
C ALA B 289 -25.65 12.97 -3.70
N TYR B 290 -26.10 12.81 -2.46
CA TYR B 290 -27.07 13.74 -1.86
C TYR B 290 -26.57 15.19 -1.84
N ARG B 291 -25.25 15.36 -1.85
CA ARG B 291 -24.63 16.68 -1.88
C ARG B 291 -24.58 17.32 -3.27
N ILE B 292 -25.00 16.56 -4.29
CA ILE B 292 -25.16 17.08 -5.64
C ILE B 292 -26.65 17.39 -5.85
N ARG B 293 -26.94 18.66 -6.15
CA ARG B 293 -28.30 19.17 -6.36
C ARG B 293 -29.12 18.40 -7.40
N GLU B 294 -28.45 17.99 -8.48
CA GLU B 294 -29.05 17.23 -9.56
C GLU B 294 -29.60 15.87 -9.05
N PHE B 295 -28.85 15.20 -8.18
CA PHE B 295 -29.32 13.99 -7.50
C PHE B 295 -30.50 14.31 -6.59
N ARG B 296 -30.33 15.39 -5.82
CA ARG B 296 -31.26 15.78 -4.78
C ARG B 296 -32.65 16.04 -5.33
N GLN B 297 -32.72 16.72 -6.47
CA GLN B 297 -33.98 17.05 -7.15
C GLN B 297 -34.68 15.84 -7.75
N THR B 298 -33.88 14.91 -8.27
CA THR B 298 -34.40 13.68 -8.84
C THR B 298 -34.91 12.79 -7.71
N PHE B 299 -34.19 12.78 -6.59
CA PHE B 299 -34.65 12.04 -5.40
C PHE B 299 -36.06 12.47 -5.01
N ARG B 300 -36.31 13.77 -4.93
CA ARG B 300 -37.61 14.31 -4.53
C ARG B 300 -38.74 13.88 -5.46
N LYS B 301 -38.47 13.93 -6.76
CA LYS B 301 -39.44 13.51 -7.79
C LYS B 301 -39.86 12.05 -7.63
N ILE B 302 -38.88 11.18 -7.37
CA ILE B 302 -39.13 9.75 -7.25
C ILE B 302 -39.99 9.42 -6.02
N ILE B 303 -39.67 10.07 -4.89
CA ILE B 303 -40.39 9.86 -3.63
C ILE B 303 -41.81 10.43 -3.71
N ARG B 304 -41.95 11.63 -4.27
CA ARG B 304 -43.25 12.26 -4.50
C ARG B 304 -44.14 11.38 -5.37
N SER B 305 -43.51 10.63 -6.27
CA SER B 305 -44.18 9.64 -7.10
C SER B 305 -44.48 8.40 -6.26
C1 OLB C . -1.14 11.59 -16.19
C2 OLB C . -1.47 10.35 -15.38
C3 OLB C . -2.22 10.73 -14.12
C4 OLB C . -2.88 9.52 -13.46
C5 OLB C . -3.55 9.94 -12.15
O19 OLB C . -1.73 11.82 -17.23
O20 OLB C . -0.10 12.51 -15.75
C21 OLB C . -0.37 13.53 -14.78
C22 OLB C . 0.96 13.94 -14.17
O23 OLB C . 1.85 14.35 -15.22
C24 OLB C . 0.73 15.09 -13.20
O25 OLB C . 1.99 15.42 -12.59
C6 OLB C . -3.49 8.84 -11.10
C7 OLB C . -3.58 9.44 -9.71
C8 OLB C . -4.58 8.69 -8.84
C9 OLB C . -3.84 7.77 -7.92
C10 OLB C . -4.14 6.47 -7.89
C11 OLB C . -3.38 5.56 -6.95
C12 OLB C . -3.27 4.17 -7.58
C13 OLB C . -2.16 3.35 -6.92
C14 OLB C . -2.67 2.59 -5.69
C15 OLB C . -1.82 1.36 -5.42
C16 OLB C . -1.18 1.39 -4.04
C17 OLB C . -0.33 0.15 -3.83
C18 OLB C . -0.47 -0.39 -2.43
C1 NGI D . 11.67 2.60 -4.76
N1 NGI D . 13.31 4.41 -4.44
O1 NGI D . 12.90 6.53 -3.73
C2 NGI D . 12.05 3.83 -3.97
N2 NGI D . 14.34 9.49 -5.50
O2 NGI D . 14.45 7.16 -6.05
C3 NGI D . 13.58 5.71 -4.35
N3 NGI D . 12.61 10.59 -4.70
O3 NGI D . 17.52 7.69 -5.47
C4 NGI D . 14.80 6.18 -5.06
N4 NGI D . 12.39 13.58 -4.84
O4 NGI D . 16.73 5.95 -3.60
C5 NGI D . 15.23 8.35 -5.89
N5 NGI D . 14.47 13.52 -5.93
O5 NGI D . 15.58 24.35 -5.17
C6 NGI D . 16.28 8.04 -4.83
N6 NGI D . 16.57 13.45 -7.03
O6 NGI D . 13.80 23.70 -6.29
C7 NGI D . 15.73 6.86 -4.07
N7 NGI D . 15.55 11.47 -6.32
C8 NGI D . 13.16 9.36 -4.88
C9 NGI D . 13.46 11.49 -5.23
C10 NGI D . 13.44 12.87 -5.34
C11 NGI D . 15.53 12.82 -6.43
C12 NGI D . 16.54 14.85 -7.40
C13 NGI D . 17.04 15.77 -6.29
C14 NGI D . 16.59 17.20 -6.47
C15 NGI D . 15.28 17.59 -6.15
C16 NGI D . 14.88 18.91 -6.33
C17 NGI D . 15.79 19.86 -6.81
C18 NGI D . 15.37 21.30 -7.00
C19 NGI D . 15.53 22.03 -5.65
C20 NGI D . 14.97 23.44 -5.69
C21 NGI D . 17.10 19.47 -7.13
C22 NGI D . 17.50 18.14 -6.96
C23 NGI D . 14.55 10.79 -5.73
C1 OLB E . -1.08 -20.01 6.21
C2 OLB E . -0.48 -19.12 5.14
C3 OLB E . 0.68 -18.30 5.73
C4 OLB E . 0.76 -16.93 5.09
C5 OLB E . 1.38 -15.94 6.07
O19 OLB E . -1.75 -20.97 5.89
O20 OLB E . -0.84 -19.71 7.62
C21 OLB E . -1.40 -20.49 8.68
C22 OLB E . -2.86 -20.08 8.89
O23 OLB E . -3.68 -20.86 8.01
C24 OLB E . -3.27 -20.31 10.34
O25 OLB E . -3.38 -21.73 10.60
C6 OLB E . 2.13 -14.82 5.36
C7 OLB E . 2.50 -13.72 6.34
C8 OLB E . 2.83 -12.39 5.67
C9 OLB E . 1.84 -12.09 4.57
C10 OLB E . 1.46 -10.84 4.31
C11 OLB E . 0.46 -10.57 3.22
C12 OLB E . 1.08 -9.64 2.18
C13 OLB E . 0.01 -8.81 1.49
C14 OLB E . 0.11 -7.35 1.92
C15 OLB E . -1.04 -6.52 1.35
C16 OLB E . -0.51 -5.30 0.60
C17 OLB E . -1.64 -4.43 0.09
C18 OLB E . -1.41 -4.01 -1.35
C1 NGI F . -13.20 -6.39 3.38
N1 NGI F . -14.65 -6.50 5.39
O1 NGI F . -14.00 -6.78 7.53
C2 NGI F . -13.35 -6.08 4.87
N2 NGI F . -15.69 -9.42 9.70
O2 NGI F . -15.93 -9.02 7.35
C3 NGI F . -14.82 -6.95 6.63
N3 NGI F . -13.85 -9.20 10.90
O3 NGI F . -18.87 -8.35 8.30
C4 NGI F . -16.12 -7.68 6.88
N4 NGI F . -13.51 -10.47 13.59
O4 NGI F . -17.87 -6.07 7.34
C5 NGI F . -16.66 -9.26 8.57
N5 NGI F . -15.68 -11.30 13.30
O5 NGI F . -16.05 -14.05 23.53
C6 NGI F . -17.56 -8.06 8.77
N6 NGI F . -17.86 -12.15 13.02
O6 NGI F . -14.63 -15.38 22.52
C7 NGI F . -16.92 -6.95 7.94
N7 NGI F . -16.91 -10.83 11.33
C8 NGI F . -14.46 -8.89 9.74
C9 NGI F . -14.71 -9.97 11.60
C10 NGI F . -14.63 -10.58 12.84
C11 NGI F . -16.81 -11.43 12.55
C12 NGI F . -17.77 -12.97 14.22
C13 NGI F . -18.06 -12.20 15.51
C14 NGI F . -17.53 -12.99 16.69
C15 NGI F . -16.24 -12.75 17.17
C16 NGI F . -15.76 -13.47 18.26
C17 NGI F . -16.57 -14.42 18.89
C18 NGI F . -16.05 -15.20 20.07
C19 NGI F . -16.72 -14.72 21.36
C20 NGI F . -15.77 -14.70 22.53
C21 NGI F . -17.86 -14.66 18.41
C22 NGI F . -18.35 -13.94 17.32
C23 NGI F . -15.87 -10.10 10.83
#